data_1SRI
#
_entry.id   1SRI
#
_cell.length_a   95.600
_cell.length_b   106.000
_cell.length_c   47.900
_cell.angle_alpha   90.00
_cell.angle_beta   90.00
_cell.angle_gamma   90.00
#
_symmetry.space_group_name_H-M   'I 2 2 2'
#
loop_
_entity.id
_entity.type
_entity.pdbx_description
1 polymer STREPTAVIDIN
2 non-polymer "2-((3',5'-DIMETHYL-4'-HYDROXYPHENYL)AZO)BENZOIC ACID"
3 water water
#
_entity_poly.entity_id   1
_entity_poly.type   'polypeptide(L)'
_entity_poly.pdbx_seq_one_letter_code
;AEAGITGTWYNQLGSTFIVTAGADGALTGTYESAVGNAESRYVLTGRYDSAPATDGSGTALGWTVAWKNNYRNAHSATTW
SGQYVGGAEARINTQWLLTSGTTEANAWKSTLVGHDTFTKV
;
_entity_poly.pdbx_strand_id   A,B
#
loop_
_chem_comp.id
_chem_comp.type
_chem_comp.name
_chem_comp.formula
DMB non-polymer '2-((3',5'-DIMETHYL-4'-HYDROXYPHENYL)AZO)BENZOIC ACID' 'C15 H14 N2 O3'
#
# COMPACT_ATOMS: atom_id res chain seq x y z
N ALA A 1 9.57 13.37 14.63
CA ALA A 1 9.62 12.43 13.49
C ALA A 1 8.60 11.33 13.84
N GLU A 2 9.15 10.19 14.12
CA GLU A 2 8.36 9.01 14.60
C GLU A 2 7.23 9.62 15.45
N ALA A 3 7.68 10.59 16.27
CA ALA A 3 6.73 11.35 17.13
C ALA A 3 5.77 12.09 16.18
N GLY A 4 6.40 12.63 15.14
CA GLY A 4 5.73 13.38 14.10
C GLY A 4 4.55 12.59 13.53
N ILE A 5 4.79 11.42 13.01
CA ILE A 5 3.77 10.59 12.38
C ILE A 5 2.74 9.98 13.30
N THR A 6 3.19 9.35 14.39
CA THR A 6 2.29 8.70 15.33
C THR A 6 1.22 9.71 15.85
N GLY A 7 0.01 9.26 15.83
CA GLY A 7 -1.14 10.10 16.27
C GLY A 7 -2.45 9.71 15.58
N THR A 8 -3.40 10.62 15.76
CA THR A 8 -4.75 10.48 15.17
C THR A 8 -4.83 11.57 14.10
N TRP A 9 -5.34 11.15 12.94
CA TRP A 9 -5.44 12.08 11.79
C TRP A 9 -6.85 11.98 11.16
N TYR A 10 -7.30 13.09 10.56
CA TYR A 10 -8.62 13.01 9.85
C TYR A 10 -8.44 13.52 8.41
N ASN A 11 -9.26 12.97 7.48
CA ASN A 11 -9.21 13.46 6.11
C ASN A 11 -10.42 14.39 5.90
N GLN A 12 -10.40 14.87 4.63
CA GLN A 12 -11.46 15.86 4.24
C GLN A 12 -12.82 15.22 4.20
N LEU A 13 -12.94 13.90 4.09
CA LEU A 13 -14.28 13.25 4.08
C LEU A 13 -14.78 12.94 5.51
N GLY A 14 -13.94 13.12 6.51
CA GLY A 14 -14.38 12.79 7.91
C GLY A 14 -13.91 11.42 8.32
N SER A 15 -13.05 10.73 7.54
CA SER A 15 -12.50 9.43 7.93
C SER A 15 -11.38 9.69 8.98
N THR A 16 -11.13 8.68 9.78
CA THR A 16 -10.11 8.74 10.89
C THR A 16 -9.04 7.64 10.65
N PHE A 17 -7.81 8.05 10.86
CA PHE A 17 -6.61 7.14 10.73
C PHE A 17 -5.83 7.28 12.06
N ILE A 18 -5.67 6.17 12.73
CA ILE A 18 -4.87 6.15 14.02
C ILE A 18 -3.61 5.30 13.70
N VAL A 19 -2.44 5.89 13.83
CA VAL A 19 -1.20 5.11 13.42
C VAL A 19 -0.06 5.25 14.43
N THR A 20 0.80 4.21 14.48
CA THR A 20 1.99 4.25 15.33
C THR A 20 3.20 4.02 14.37
N ALA A 21 4.19 4.87 14.38
CA ALA A 21 5.37 4.73 13.54
C ALA A 21 6.44 4.01 14.37
N GLY A 22 6.83 2.82 13.97
CA GLY A 22 7.89 2.06 14.73
C GLY A 22 9.29 2.52 14.29
N ALA A 23 10.29 2.26 15.20
CA ALA A 23 11.67 2.66 14.93
C ALA A 23 12.30 1.95 13.72
N ASP A 24 11.73 0.84 13.30
CA ASP A 24 12.23 0.09 12.15
C ASP A 24 11.56 0.47 10.80
N GLY A 25 10.77 1.48 10.78
CA GLY A 25 10.10 1.88 9.51
C GLY A 25 8.73 1.30 9.38
N ALA A 26 8.22 0.56 10.36
CA ALA A 26 6.84 0.02 10.22
C ALA A 26 5.76 1.04 10.57
N LEU A 27 4.57 0.92 9.93
CA LEU A 27 3.41 1.70 10.31
C LEU A 27 2.33 0.64 10.68
N THR A 28 1.64 0.87 11.79
CA THR A 28 0.52 -0.07 12.15
C THR A 28 -0.61 0.80 12.74
N GLY A 29 -1.80 0.32 12.61
CA GLY A 29 -2.95 1.10 13.18
C GLY A 29 -4.26 0.65 12.66
N THR A 30 -5.23 1.59 12.77
CA THR A 30 -6.58 1.31 12.31
C THR A 30 -7.18 2.50 11.49
N TYR A 31 -8.10 2.15 10.65
CA TYR A 31 -8.76 3.14 9.76
C TYR A 31 -10.28 3.05 9.90
N GLU A 32 -10.88 4.24 10.00
CA GLU A 32 -12.42 4.19 10.07
C GLU A 32 -12.90 5.05 8.92
N SER A 33 -13.57 4.50 7.95
CA SER A 33 -13.99 5.21 6.73
C SER A 33 -15.37 5.79 6.78
N ALA A 34 -15.50 7.00 6.29
CA ALA A 34 -16.73 7.74 6.17
C ALA A 34 -17.55 7.37 4.91
N VAL A 35 -16.89 6.81 3.92
CA VAL A 35 -17.52 6.48 2.61
C VAL A 35 -17.38 5.01 2.24
N GLY A 36 -18.24 4.54 1.33
CA GLY A 36 -18.19 3.20 0.80
C GLY A 36 -18.94 2.13 1.58
N ASN A 37 -18.67 0.88 1.15
CA ASN A 37 -19.33 -0.27 1.79
C ASN A 37 -18.39 -0.71 2.95
N ALA A 38 -18.46 0.10 3.98
CA ALA A 38 -17.58 -0.10 5.15
C ALA A 38 -18.27 0.31 6.46
N GLU A 39 -17.85 -0.30 7.52
CA GLU A 39 -18.37 0.02 8.86
C GLU A 39 -17.39 -0.48 9.94
N SER A 40 -17.25 0.31 10.97
CA SER A 40 -16.34 -0.04 12.06
C SER A 40 -14.88 0.16 11.52
N ARG A 41 -13.95 -0.26 12.34
CA ARG A 41 -12.56 -0.08 12.05
C ARG A 41 -11.98 -1.26 11.25
N TYR A 42 -10.94 -0.88 10.47
CA TYR A 42 -10.18 -1.88 9.67
C TYR A 42 -8.70 -1.79 9.97
N VAL A 43 -7.99 -2.91 9.95
CA VAL A 43 -6.51 -2.91 10.18
C VAL A 43 -5.73 -2.27 9.00
N LEU A 44 -4.74 -1.48 9.32
CA LEU A 44 -3.86 -0.90 8.22
C LEU A 44 -2.41 -1.38 8.60
N THR A 45 -1.61 -1.40 7.54
CA THR A 45 -0.17 -1.69 7.75
C THR A 45 0.59 -0.91 6.59
N GLY A 46 1.75 -0.46 6.95
CA GLY A 46 2.56 0.26 5.94
C GLY A 46 4.00 0.42 6.34
N ARG A 47 4.69 1.32 5.59
CA ARG A 47 6.13 1.56 5.82
C ARG A 47 6.41 3.06 5.63
N TYR A 48 7.45 3.55 6.23
CA TYR A 48 7.86 4.97 6.11
C TYR A 48 9.39 5.07 6.13
N ASP A 49 9.88 6.24 5.64
CA ASP A 49 11.37 6.41 5.58
C ASP A 49 11.74 6.88 7.04
N SER A 50 12.43 5.98 7.71
CA SER A 50 12.81 6.29 9.13
C SER A 50 14.01 7.17 9.26
N ALA A 51 14.60 7.56 8.16
CA ALA A 51 15.76 8.50 8.23
C ALA A 51 15.63 9.45 7.04
N PRO A 52 14.64 10.31 7.11
CA PRO A 52 14.39 11.28 6.03
C PRO A 52 15.55 12.26 5.87
N ALA A 53 15.52 12.98 4.78
CA ALA A 53 16.57 14.00 4.46
C ALA A 53 16.44 15.21 5.39
N SER A 57 12.62 18.67 3.11
CA SER A 57 11.87 17.65 2.34
C SER A 57 10.90 16.90 3.29
N GLY A 58 9.86 16.39 2.68
CA GLY A 58 8.85 15.59 3.43
C GLY A 58 9.43 14.16 3.59
N THR A 59 8.63 13.40 4.37
CA THR A 59 9.00 12.00 4.66
C THR A 59 8.04 11.09 3.84
N ALA A 60 8.71 10.25 3.06
CA ALA A 60 7.91 9.33 2.19
C ALA A 60 7.26 8.21 3.02
N LEU A 61 6.01 7.81 2.62
CA LEU A 61 5.34 6.71 3.35
C LEU A 61 4.22 6.14 2.47
N GLY A 62 3.72 4.98 2.97
CA GLY A 62 2.55 4.43 2.22
C GLY A 62 1.88 3.39 3.20
N TRP A 63 0.63 3.15 2.92
CA TRP A 63 -0.07 2.11 3.75
C TRP A 63 -1.20 1.52 2.93
N THR A 64 -1.69 0.36 3.46
CA THR A 64 -2.80 -0.36 2.77
C THR A 64 -3.91 -0.76 3.81
N VAL A 65 -5.12 -0.73 3.29
CA VAL A 65 -6.27 -1.29 4.04
C VAL A 65 -7.06 -2.22 3.13
N ALA A 66 -7.32 -3.47 3.51
CA ALA A 66 -8.21 -4.42 2.77
C ALA A 66 -9.57 -4.21 3.50
N TRP A 67 -10.61 -3.93 2.82
CA TRP A 67 -11.92 -3.56 3.38
C TRP A 67 -12.73 -4.82 3.77
N LYS A 68 -12.05 -5.52 4.68
CA LYS A 68 -12.70 -6.73 5.30
C LYS A 68 -12.41 -6.66 6.83
N ASN A 69 -13.50 -6.80 7.58
CA ASN A 69 -13.33 -6.84 9.07
C ASN A 69 -14.32 -7.94 9.53
N ASN A 70 -14.55 -7.98 10.86
CA ASN A 70 -15.52 -9.05 11.32
C ASN A 70 -16.95 -8.72 11.01
N TYR A 71 -17.27 -7.52 10.53
CA TYR A 71 -18.62 -7.12 10.23
C TYR A 71 -19.00 -7.06 8.78
N ARG A 72 -18.04 -6.65 7.94
CA ARG A 72 -18.42 -6.50 6.47
C ARG A 72 -17.20 -6.82 5.63
N ASN A 73 -17.48 -7.16 4.39
CA ASN A 73 -16.41 -7.47 3.41
C ASN A 73 -16.82 -6.75 2.09
N ALA A 74 -16.00 -5.82 1.64
CA ALA A 74 -16.35 -5.19 0.32
C ALA A 74 -15.54 -5.80 -0.78
N HIS A 75 -14.65 -6.76 -0.54
CA HIS A 75 -13.82 -7.37 -1.58
C HIS A 75 -13.03 -6.29 -2.36
N SER A 76 -12.33 -5.46 -1.60
CA SER A 76 -11.53 -4.37 -2.25
C SER A 76 -10.42 -3.95 -1.31
N ALA A 77 -9.38 -3.28 -1.84
CA ALA A 77 -8.32 -2.80 -0.98
C ALA A 77 -7.87 -1.40 -1.51
N THR A 78 -7.47 -0.55 -0.58
CA THR A 78 -6.95 0.77 -0.96
C THR A 78 -5.51 0.90 -0.49
N THR A 79 -4.67 1.55 -1.30
CA THR A 79 -3.31 1.87 -0.93
C THR A 79 -3.11 3.41 -1.03
N TRP A 80 -2.58 4.02 0.00
CA TRP A 80 -2.27 5.48 -0.04
C TRP A 80 -0.75 5.62 -0.13
N SER A 81 -0.32 6.50 -1.07
CA SER A 81 1.14 6.74 -1.25
C SER A 81 1.31 8.27 -1.08
N GLY A 82 2.28 8.68 -0.21
CA GLY A 82 2.37 10.18 -0.04
C GLY A 82 3.54 10.57 0.85
N GLN A 83 3.41 11.78 1.42
CA GLN A 83 4.51 12.27 2.28
C GLN A 83 3.97 13.06 3.45
N TYR A 84 4.71 12.94 4.53
CA TYR A 84 4.38 13.65 5.79
C TYR A 84 5.19 14.96 5.80
N VAL A 85 4.54 16.01 6.15
CA VAL A 85 5.22 17.37 6.18
C VAL A 85 4.93 17.95 7.57
N GLY A 86 5.94 18.22 8.36
CA GLY A 86 5.68 18.75 9.73
C GLY A 86 5.72 20.27 9.76
N GLY A 87 5.42 20.80 10.92
CA GLY A 87 5.39 22.23 11.27
C GLY A 87 4.25 22.41 12.28
N ALA A 88 3.66 23.61 12.25
CA ALA A 88 2.53 23.91 13.16
C ALA A 88 1.26 23.71 12.36
N GLU A 89 1.41 23.08 11.20
CA GLU A 89 0.28 22.76 10.33
C GLU A 89 0.61 21.44 9.61
N ALA A 90 0.94 20.47 10.45
CA ALA A 90 1.30 19.09 10.09
C ALA A 90 0.26 18.44 9.17
N ARG A 91 0.78 17.81 8.12
CA ARG A 91 -0.17 17.18 7.16
C ARG A 91 0.46 15.97 6.48
N ILE A 92 -0.45 15.10 6.00
CA ILE A 92 0.03 13.97 5.18
C ILE A 92 -0.77 14.12 3.84
N ASN A 93 -0.01 14.35 2.77
CA ASN A 93 -0.69 14.54 1.45
C ASN A 93 -0.56 13.21 0.69
N THR A 94 -1.63 12.69 0.17
CA THR A 94 -1.55 11.44 -0.57
C THR A 94 -2.36 11.37 -1.85
N GLN A 95 -2.00 10.30 -2.57
CA GLN A 95 -2.79 9.89 -3.76
C GLN A 95 -3.10 8.40 -3.42
N TRP A 96 -4.22 7.89 -3.86
CA TRP A 96 -4.62 6.52 -3.48
C TRP A 96 -5.17 5.78 -4.71
N LEU A 97 -5.11 4.48 -4.56
CA LEU A 97 -5.66 3.54 -5.58
C LEU A 97 -6.61 2.55 -4.82
N LEU A 98 -7.80 2.41 -5.31
CA LEU A 98 -8.78 1.44 -4.68
C LEU A 98 -9.03 0.36 -5.73
N THR A 99 -8.63 -0.87 -5.49
CA THR A 99 -8.91 -1.95 -6.47
C THR A 99 -10.01 -2.91 -5.92
N SER A 100 -10.95 -3.23 -6.73
CA SER A 100 -12.03 -4.19 -6.39
C SER A 100 -11.75 -5.50 -7.05
N GLY A 101 -12.16 -6.62 -6.38
CA GLY A 101 -11.97 -7.96 -7.06
C GLY A 101 -13.04 -8.03 -8.14
N THR A 102 -12.63 -8.38 -9.33
CA THR A 102 -13.64 -8.44 -10.43
C THR A 102 -13.38 -9.71 -11.24
N THR A 103 -14.35 -9.94 -12.16
CA THR A 103 -14.13 -11.06 -13.12
C THR A 103 -13.14 -10.53 -14.16
N GLU A 104 -12.56 -11.38 -14.95
CA GLU A 104 -11.57 -10.97 -15.97
C GLU A 104 -12.16 -10.04 -17.01
N ALA A 105 -13.43 -10.18 -17.31
CA ALA A 105 -14.08 -9.30 -18.30
C ALA A 105 -14.33 -7.90 -17.77
N ASN A 106 -14.40 -7.71 -16.47
CA ASN A 106 -14.60 -6.39 -15.85
C ASN A 106 -13.30 -5.82 -15.24
N ALA A 107 -12.17 -6.45 -15.42
CA ALA A 107 -10.92 -5.98 -14.79
C ALA A 107 -10.52 -4.59 -15.25
N TRP A 108 -10.93 -4.24 -16.50
CA TRP A 108 -10.56 -2.91 -17.02
C TRP A 108 -11.10 -1.83 -16.14
N LYS A 109 -12.20 -2.01 -15.45
CA LYS A 109 -12.74 -0.98 -14.59
C LYS A 109 -12.66 -1.34 -13.10
N SER A 110 -11.53 -1.98 -12.76
CA SER A 110 -11.39 -2.41 -11.34
C SER A 110 -10.77 -1.37 -10.43
N THR A 111 -10.15 -0.34 -10.97
CA THR A 111 -9.38 0.57 -10.09
C THR A 111 -9.72 2.03 -10.12
N LEU A 112 -10.06 2.62 -8.97
CA LEU A 112 -10.34 4.05 -8.86
C LEU A 112 -9.03 4.74 -8.35
N VAL A 113 -8.92 6.05 -8.67
CA VAL A 113 -7.72 6.81 -8.17
C VAL A 113 -8.27 8.12 -7.57
N GLY A 114 -7.63 8.62 -6.53
CA GLY A 114 -8.10 9.88 -5.89
C GLY A 114 -6.97 10.43 -5.04
N HIS A 115 -7.36 11.42 -4.23
CA HIS A 115 -6.30 12.08 -3.38
C HIS A 115 -6.99 12.48 -2.08
N ASP A 116 -6.22 12.33 -0.97
CA ASP A 116 -6.74 12.68 0.36
C ASP A 116 -5.60 13.50 1.06
N THR A 117 -6.10 14.40 1.91
CA THR A 117 -5.12 15.23 2.69
C THR A 117 -5.56 14.97 4.16
N PHE A 118 -4.60 14.62 4.96
CA PHE A 118 -4.85 14.30 6.38
C PHE A 118 -4.29 15.44 7.30
N THR A 119 -5.11 15.80 8.26
CA THR A 119 -4.74 16.82 9.27
C THR A 119 -4.60 16.10 10.62
N LYS A 120 -3.53 16.51 11.34
CA LYS A 120 -3.30 15.84 12.63
C LYS A 120 -4.07 16.45 13.81
N VAL A 121 -4.65 15.57 14.60
CA VAL A 121 -5.37 16.10 15.78
C VAL A 121 -4.28 16.19 16.92
N ALA B 1 -5.24 -18.88 -2.06
CA ALA B 1 -5.01 -17.41 -1.78
C ALA B 1 -3.68 -17.38 -1.01
N GLU B 2 -3.88 -17.11 0.28
CA GLU B 2 -2.66 -17.16 1.19
C GLU B 2 -1.79 -18.25 0.49
N ALA B 3 -2.45 -19.41 0.39
CA ALA B 3 -1.80 -20.57 -0.26
C ALA B 3 -1.37 -20.05 -1.65
N GLY B 4 -2.39 -19.70 -2.43
CA GLY B 4 -2.22 -19.22 -3.80
C GLY B 4 -1.24 -18.08 -3.90
N ILE B 5 -1.44 -17.08 -3.04
CA ILE B 5 -0.57 -15.90 -3.05
C ILE B 5 0.81 -16.18 -2.50
N THR B 6 0.92 -17.00 -1.45
CA THR B 6 2.28 -17.27 -0.88
C THR B 6 3.23 -17.85 -1.90
N GLY B 7 4.43 -17.33 -2.05
CA GLY B 7 5.41 -17.82 -3.02
C GLY B 7 6.38 -16.71 -3.43
N THR B 8 7.13 -17.03 -4.49
CA THR B 8 8.13 -16.09 -5.06
C THR B 8 7.54 -15.65 -6.42
N TRP B 9 7.44 -14.38 -6.64
CA TRP B 9 6.85 -13.82 -7.92
C TRP B 9 7.90 -12.92 -8.56
N TYR B 10 7.72 -12.72 -9.89
CA TYR B 10 8.66 -11.83 -10.60
C TYR B 10 7.83 -10.88 -11.50
N ASN B 11 8.25 -9.61 -11.62
CA ASN B 11 7.52 -8.75 -12.56
C ASN B 11 8.29 -8.80 -13.91
N GLN B 12 7.74 -8.01 -14.83
CA GLN B 12 8.30 -7.92 -16.20
C GLN B 12 9.68 -7.31 -16.21
N LEU B 13 10.10 -6.52 -15.26
CA LEU B 13 11.44 -5.93 -15.23
C LEU B 13 12.44 -6.91 -14.57
N GLY B 14 11.93 -7.96 -13.96
CA GLY B 14 12.84 -8.92 -13.29
C GLY B 14 13.02 -8.69 -11.80
N SER B 15 12.23 -7.82 -11.20
CA SER B 15 12.30 -7.63 -9.70
C SER B 15 11.69 -8.90 -9.08
N THR B 16 12.07 -9.19 -7.84
CA THR B 16 11.56 -10.42 -7.17
C THR B 16 10.74 -10.03 -5.91
N PHE B 17 9.59 -10.68 -5.80
CA PHE B 17 8.67 -10.35 -4.63
C PHE B 17 8.45 -11.71 -3.91
N ILE B 18 9.00 -11.78 -2.74
CA ILE B 18 8.86 -13.02 -1.93
C ILE B 18 7.78 -12.72 -0.85
N VAL B 19 6.67 -13.37 -0.91
CA VAL B 19 5.60 -13.05 0.06
C VAL B 19 4.98 -14.23 0.81
N THR B 20 4.51 -13.90 2.02
CA THR B 20 3.74 -14.86 2.84
C THR B 20 2.35 -14.23 3.10
N ALA B 21 1.29 -14.94 2.78
CA ALA B 21 -0.07 -14.55 3.03
C ALA B 21 -0.61 -15.23 4.32
N GLY B 22 -0.90 -14.49 5.34
CA GLY B 22 -1.43 -14.99 6.61
C GLY B 22 -2.91 -15.28 6.46
N ALA B 23 -3.41 -16.21 7.33
CA ALA B 23 -4.82 -16.57 7.26
C ALA B 23 -5.80 -15.43 7.50
N ASP B 24 -5.50 -14.46 8.23
CA ASP B 24 -6.14 -13.28 8.69
C ASP B 24 -6.12 -12.03 7.73
N GLY B 25 -5.36 -12.09 6.65
CA GLY B 25 -5.31 -10.94 5.72
C GLY B 25 -3.98 -10.24 5.68
N ALA B 26 -2.98 -10.65 6.48
CA ALA B 26 -1.70 -9.90 6.37
C ALA B 26 -0.83 -10.44 5.26
N LEU B 27 -0.03 -9.50 4.66
CA LEU B 27 0.98 -9.89 3.65
C LEU B 27 2.33 -9.42 4.27
N THR B 28 3.34 -10.21 4.23
CA THR B 28 4.65 -9.85 4.77
C THR B 28 5.71 -10.49 3.85
N GLY B 29 6.86 -9.81 3.68
CA GLY B 29 7.90 -10.47 2.82
C GLY B 29 8.98 -9.46 2.46
N THR B 30 9.63 -9.79 1.32
CA THR B 30 10.76 -8.92 0.87
C THR B 30 10.62 -8.66 -0.65
N TYR B 31 11.19 -7.50 -1.01
CA TYR B 31 11.17 -7.09 -2.44
C TYR B 31 12.60 -6.74 -2.88
N GLU B 32 12.97 -7.24 -4.04
CA GLU B 32 14.31 -6.92 -4.61
C GLU B 32 14.09 -6.28 -5.98
N SER B 33 14.51 -5.04 -6.15
CA SER B 33 14.23 -4.28 -7.38
C SER B 33 15.32 -4.36 -8.45
N ALA B 34 14.86 -4.46 -9.69
CA ALA B 34 15.75 -4.53 -10.85
C ALA B 34 16.13 -3.12 -11.32
N VAL B 35 15.35 -2.13 -10.94
CA VAL B 35 15.61 -0.74 -11.38
C VAL B 35 15.54 0.27 -10.24
N GLY B 36 16.04 1.48 -10.60
CA GLY B 36 16.04 2.57 -9.61
C GLY B 36 17.26 2.54 -8.70
N ASN B 37 17.20 3.47 -7.78
CA ASN B 37 18.25 3.74 -6.75
C ASN B 37 18.05 2.70 -5.63
N ALA B 38 18.32 1.45 -5.99
CA ALA B 38 18.09 0.36 -4.99
C ALA B 38 19.10 -0.77 -5.14
N GLU B 39 19.37 -1.37 -4.01
CA GLU B 39 20.31 -2.52 -4.01
C GLU B 39 19.97 -3.45 -2.82
N SER B 40 19.81 -4.71 -3.17
CA SER B 40 19.52 -5.73 -2.19
C SER B 40 17.99 -5.70 -2.00
N ARG B 41 17.66 -6.30 -0.83
CA ARG B 41 16.24 -6.49 -0.48
C ARG B 41 15.72 -5.45 0.46
N TYR B 42 14.40 -5.27 0.35
CA TYR B 42 13.71 -4.28 1.22
C TYR B 42 12.44 -5.00 1.80
N VAL B 43 12.09 -4.50 2.99
CA VAL B 43 10.88 -5.11 3.67
C VAL B 43 9.61 -4.59 3.02
N LEU B 44 8.61 -5.47 2.94
CA LEU B 44 7.29 -4.99 2.48
C LEU B 44 6.23 -5.52 3.52
N THR B 45 5.15 -4.82 3.54
CA THR B 45 3.99 -5.17 4.34
C THR B 45 2.70 -4.80 3.58
N GLY B 46 1.64 -5.61 3.69
CA GLY B 46 0.41 -5.34 3.00
C GLY B 46 -0.83 -6.05 3.58
N ARG B 47 -1.91 -6.00 2.85
CA ARG B 47 -3.19 -6.65 3.28
C ARG B 47 -3.86 -7.20 2.03
N TYR B 48 -4.72 -8.21 2.23
CA TYR B 48 -5.47 -8.85 1.11
C TYR B 48 -6.83 -9.38 1.65
N ASP B 49 -7.74 -9.58 0.68
CA ASP B 49 -9.09 -10.12 1.09
C ASP B 49 -8.93 -11.65 1.33
N SER B 50 -9.01 -12.00 2.63
CA SER B 50 -8.91 -13.39 3.07
C SER B 50 -10.20 -14.19 2.93
N ALA B 51 -11.25 -13.60 2.35
CA ALA B 51 -12.49 -14.34 2.10
C ALA B 51 -13.13 -13.77 0.82
N PRO B 52 -12.49 -14.03 -0.31
CA PRO B 52 -12.98 -13.47 -1.61
C PRO B 52 -14.33 -14.03 -1.98
N ALA B 53 -14.95 -13.37 -2.95
CA ALA B 53 -16.29 -13.80 -3.43
C ALA B 53 -16.13 -15.11 -4.18
N THR B 54 -17.24 -15.85 -4.29
CA THR B 54 -17.21 -17.16 -4.95
C THR B 54 -17.83 -17.18 -6.34
N ASP B 55 -17.88 -16.03 -6.96
CA ASP B 55 -18.45 -15.85 -8.28
C ASP B 55 -17.44 -15.82 -9.39
N GLY B 56 -16.15 -16.06 -9.09
CA GLY B 56 -15.13 -16.03 -10.16
C GLY B 56 -14.25 -14.78 -10.16
N SER B 57 -14.49 -13.89 -9.20
CA SER B 57 -13.70 -12.66 -9.14
C SER B 57 -12.29 -12.88 -8.64
N GLY B 58 -11.39 -11.93 -8.90
CA GLY B 58 -9.99 -11.99 -8.39
C GLY B 58 -10.02 -11.60 -6.87
N THR B 59 -8.82 -11.66 -6.29
CA THR B 59 -8.70 -11.33 -4.83
C THR B 59 -8.00 -9.96 -4.67
N ALA B 60 -8.68 -8.99 -4.14
CA ALA B 60 -8.03 -7.66 -3.94
C ALA B 60 -6.91 -7.72 -2.94
N LEU B 61 -5.80 -6.96 -3.22
CA LEU B 61 -4.65 -6.87 -2.33
C LEU B 61 -3.85 -5.60 -2.55
N GLY B 62 -2.92 -5.35 -1.63
CA GLY B 62 -2.02 -4.17 -1.82
C GLY B 62 -0.85 -4.29 -0.86
N TRP B 63 0.25 -3.63 -1.18
CA TRP B 63 1.42 -3.64 -0.28
C TRP B 63 2.29 -2.38 -0.58
N THR B 64 3.12 -2.17 0.47
CA THR B 64 4.05 -1.02 0.36
C THR B 64 5.49 -1.43 0.66
N VAL B 65 6.45 -0.69 0.07
CA VAL B 65 7.88 -0.79 0.29
C VAL B 65 8.46 0.62 0.47
N ALA B 66 9.09 0.92 1.55
CA ALA B 66 9.80 2.25 1.70
C ALA B 66 11.20 1.88 1.19
N TRP B 67 11.84 2.66 0.34
CA TRP B 67 13.16 2.29 -0.22
C TRP B 67 14.34 2.63 0.63
N LYS B 68 14.39 2.13 1.86
CA LYS B 68 15.52 2.31 2.78
C LYS B 68 15.90 0.90 3.34
N ASN B 69 17.18 0.54 3.22
CA ASN B 69 17.68 -0.72 3.83
C ASN B 69 19.02 -0.41 4.55
N ASN B 70 19.84 -1.41 4.87
CA ASN B 70 21.13 -1.06 5.50
C ASN B 70 22.14 -0.56 4.49
N TYR B 71 21.92 -0.56 3.20
CA TYR B 71 22.84 -0.12 2.20
C TYR B 71 22.53 1.23 1.53
N ARG B 72 21.25 1.59 1.47
CA ARG B 72 20.97 2.86 0.76
C ARG B 72 19.54 3.32 1.13
N ASN B 73 19.36 4.61 0.86
CA ASN B 73 18.02 5.18 1.19
C ASN B 73 17.65 6.15 0.05
N ALA B 74 16.66 5.82 -0.71
CA ALA B 74 16.19 6.66 -1.82
C ALA B 74 15.19 7.70 -1.36
N HIS B 75 14.82 7.70 -0.08
CA HIS B 75 13.79 8.70 0.40
C HIS B 75 12.52 8.68 -0.43
N SER B 76 11.95 7.43 -0.55
CA SER B 76 10.71 7.29 -1.33
C SER B 76 10.01 5.98 -0.91
N ALA B 77 8.82 5.82 -1.46
CA ALA B 77 8.09 4.54 -1.13
C ALA B 77 7.17 4.23 -2.28
N THR B 78 6.91 2.98 -2.57
CA THR B 78 5.94 2.64 -3.62
C THR B 78 4.79 1.83 -3.00
N THR B 79 3.58 1.99 -3.48
CA THR B 79 2.46 1.15 -3.03
C THR B 79 1.92 0.43 -4.29
N TRP B 80 1.61 -0.83 -4.22
CA TRP B 80 1.03 -1.59 -5.35
C TRP B 80 -0.40 -1.93 -4.97
N SER B 81 -1.35 -1.78 -5.88
CA SER B 81 -2.80 -2.08 -5.56
C SER B 81 -3.30 -2.94 -6.73
N GLY B 82 -3.95 -4.08 -6.41
CA GLY B 82 -4.36 -4.92 -7.56
C GLY B 82 -5.09 -6.18 -7.14
N GLN B 83 -5.02 -7.16 -8.03
CA GLN B 83 -5.74 -8.42 -7.73
C GLN B 83 -4.98 -9.63 -8.15
N TYR B 84 -5.12 -10.69 -7.30
CA TYR B 84 -4.50 -11.99 -7.59
C TYR B 84 -5.56 -12.83 -8.34
N VAL B 85 -5.12 -13.46 -9.41
CA VAL B 85 -6.04 -14.30 -10.25
C VAL B 85 -5.33 -15.67 -10.29
N GLY B 86 -6.01 -16.67 -9.75
CA GLY B 86 -5.26 -17.99 -9.65
C GLY B 86 -5.53 -18.77 -10.92
N GLY B 87 -5.11 -20.01 -10.84
CA GLY B 87 -5.33 -20.95 -11.98
C GLY B 87 -3.98 -21.58 -12.29
N ALA B 88 -4.01 -22.27 -13.43
CA ALA B 88 -2.84 -22.97 -13.95
C ALA B 88 -1.66 -22.04 -14.08
N GLU B 89 -1.87 -20.83 -14.53
CA GLU B 89 -0.87 -19.79 -14.75
C GLU B 89 -1.34 -18.49 -14.02
N ALA B 90 -1.17 -18.53 -12.73
CA ALA B 90 -1.57 -17.47 -11.82
C ALA B 90 -0.78 -16.18 -12.07
N ARG B 91 -1.49 -15.12 -11.74
CA ARG B 91 -0.86 -13.75 -11.91
C ARG B 91 -1.45 -12.79 -10.87
N ILE B 92 -0.66 -11.74 -10.65
CA ILE B 92 -1.09 -10.61 -9.77
C ILE B 92 -0.99 -9.32 -10.75
N ASN B 93 -2.13 -8.77 -10.95
CA ASN B 93 -2.09 -7.56 -11.92
C ASN B 93 -2.17 -6.33 -11.00
N THR B 94 -1.21 -5.43 -11.21
CA THR B 94 -1.27 -4.24 -10.31
C THR B 94 -1.08 -2.88 -11.04
N GLN B 95 -1.45 -1.86 -10.22
CA GLN B 95 -1.09 -0.47 -10.66
C GLN B 95 -0.29 0.04 -9.46
N TRP B 96 0.66 0.91 -9.59
CA TRP B 96 1.47 1.38 -8.50
C TRP B 96 1.68 2.92 -8.49
N LEU B 97 2.02 3.43 -7.30
CA LEU B 97 2.31 4.87 -7.12
C LEU B 97 3.64 5.00 -6.38
N LEU B 98 4.63 5.70 -6.86
CA LEU B 98 5.90 5.85 -6.14
C LEU B 98 6.03 7.33 -5.77
N THR B 99 6.04 7.65 -4.51
CA THR B 99 6.15 9.03 -4.02
C THR B 99 7.54 9.29 -3.44
N SER B 100 8.20 10.39 -3.88
CA SER B 100 9.51 10.70 -3.25
C SER B 100 9.31 11.79 -2.23
N GLY B 101 10.16 11.90 -1.23
CA GLY B 101 9.99 13.05 -0.24
C GLY B 101 10.59 14.25 -1.03
N THR B 102 9.84 15.34 -1.09
CA THR B 102 10.31 16.55 -1.81
C THR B 102 10.09 17.78 -0.92
N THR B 103 10.68 18.89 -1.44
CA THR B 103 10.36 20.19 -0.73
C THR B 103 8.97 20.58 -1.26
N GLU B 104 8.42 21.61 -0.64
CA GLU B 104 7.07 22.11 -0.98
C GLU B 104 7.00 22.59 -2.39
N ALA B 105 8.05 23.19 -2.92
CA ALA B 105 8.12 23.69 -4.28
C ALA B 105 8.08 22.60 -5.36
N ASN B 106 8.41 21.38 -4.96
CA ASN B 106 8.46 20.28 -5.95
C ASN B 106 7.40 19.21 -5.71
N ALA B 107 6.55 19.44 -4.77
CA ALA B 107 5.47 18.52 -4.40
C ALA B 107 4.61 18.16 -5.61
N TRP B 108 4.41 19.07 -6.55
CA TRP B 108 3.58 18.79 -7.73
C TRP B 108 4.10 17.63 -8.54
N LYS B 109 5.37 17.33 -8.55
CA LYS B 109 6.00 16.29 -9.29
C LYS B 109 6.61 15.15 -8.40
N SER B 110 5.94 14.96 -7.29
CA SER B 110 6.50 13.92 -6.34
C SER B 110 6.10 12.50 -6.67
N THR B 111 5.10 12.25 -7.46
CA THR B 111 4.59 10.88 -7.62
C THR B 111 4.48 10.34 -9.02
N LEU B 112 5.11 9.20 -9.27
CA LEU B 112 5.07 8.51 -10.53
C LEU B 112 3.94 7.43 -10.46
N VAL B 113 3.36 7.09 -11.60
CA VAL B 113 2.33 6.03 -11.65
C VAL B 113 2.73 5.01 -12.71
N GLY B 114 2.40 3.75 -12.50
CA GLY B 114 2.76 2.68 -13.47
C GLY B 114 1.93 1.41 -13.15
N HIS B 115 2.33 0.37 -13.91
CA HIS B 115 1.64 -0.93 -13.77
C HIS B 115 2.62 -2.07 -13.86
N ASP B 116 2.37 -3.12 -13.07
CA ASP B 116 3.26 -4.27 -13.04
C ASP B 116 2.38 -5.54 -13.05
N THR B 117 2.90 -6.54 -13.74
CA THR B 117 2.24 -7.86 -13.81
C THR B 117 3.27 -8.85 -13.22
N PHE B 118 2.80 -9.61 -12.23
CA PHE B 118 3.70 -10.58 -11.56
C PHE B 118 3.23 -12.02 -11.92
N THR B 119 4.24 -12.85 -12.17
CA THR B 119 4.03 -14.27 -12.43
C THR B 119 5.06 -15.06 -11.59
N LYS B 120 4.85 -16.37 -11.62
CA LYS B 120 5.72 -17.31 -10.89
C LYS B 120 6.89 -17.78 -11.73
N VAL B 121 7.08 -17.26 -12.94
CA VAL B 121 8.16 -17.72 -13.80
C VAL B 121 9.43 -16.86 -13.79
C1 DMB C . 9.59 0.09 -8.67
C2 DMB C . 9.33 -1.17 -9.18
C3 DMB C . 8.07 -1.49 -9.75
C4 DMB C . 7.10 -0.49 -9.78
C5 DMB C . 7.36 0.78 -9.27
C6 DMB C . 8.59 1.08 -8.71
C1' DMB C . 12.19 2.34 -7.39
C2' DMB C . 13.23 1.73 -6.70
C3' DMB C . 14.00 2.47 -5.79
C4' DMB C . 13.70 3.81 -5.55
C5' DMB C . 12.67 4.44 -6.26
C6' DMB C . 11.92 3.70 -7.18
C DMB C . 10.35 -2.32 -9.10
CM3 DMB C . 15.14 1.81 -4.99
CM5 DMB C . 12.38 5.93 -6.00
N1 DMB C . 10.92 0.42 -8.08
N1' DMB C . 11.39 1.56 -8.36
O DMB C . 9.80 -3.60 -9.45
OXT DMB C . 11.47 -2.24 -8.69
O4' DMB C . 14.47 4.56 -4.61
C1 DMB D . -11.57 5.34 0.55
C2 DMB D . -11.34 6.44 1.36
C3 DMB D . -10.63 7.55 0.88
C4 DMB D . -10.23 7.55 -0.45
C5 DMB D . -10.48 6.45 -1.28
C6 DMB D . -11.15 5.34 -0.79
C1' DMB D . -13.76 2.42 0.35
C2' DMB D . -14.01 2.04 1.67
C3' DMB D . -14.53 0.77 1.92
C4' DMB D . -14.79 -0.12 0.87
C5' DMB D . -14.54 0.27 -0.44
C6' DMB D . -14.02 1.55 -0.70
C DMB D . -11.76 6.47 2.84
CM3 DMB D . -14.79 0.33 3.36
CM5 DMB D . -14.83 -0.70 -1.60
N1 DMB D . -12.33 4.15 1.04
N1' DMB D . -13.20 3.78 0.13
O DMB D . -11.34 7.62 3.58
OXT DMB D . -12.33 5.54 3.37
O4' DMB D . -15.32 -1.41 1.17
#